data_7BAV
#
_entry.id   7BAV
#
_cell.length_a   43.734
_cell.length_b   51.831
_cell.length_c   55.040
_cell.angle_alpha   90.000
_cell.angle_beta   90.000
_cell.angle_gamma   90.000
#
_symmetry.space_group_name_H-M   'P 21 21 21'
#
loop_
_entity.id
_entity.type
_entity.pdbx_description
1 polymer CC-Type2-(TgLaId)4-W19BrPhe
2 water water
#
_entity_poly.entity_id   1
_entity_poly.type   'polypeptide(L)'
_entity_poly.pdbx_seq_one_letter_code
;(ACE)GEIAQTLKEIAKTLKEIA(4BF)TLKEIAQTLKG(NH2)
;
_entity_poly.pdbx_strand_id   A,B,C,D,E
#
loop_
_chem_comp.id
_chem_comp.type
_chem_comp.name
_chem_comp.formula
ACE non-polymer 'ACETYL GROUP' 'C2 H4 O'
NH2 non-polymer 'AMINO GROUP' 'H2 N'
#
# COMPACT_ATOMS: atom_id res chain seq x y z
C ACE A 1 -17.52 -15.65 -7.87
O ACE A 1 -18.42 -16.29 -7.48
CH3 ACE A 1 -16.29 -16.38 -8.39
N GLY A 2 -17.55 -14.31 -7.90
CA GLY A 2 -18.60 -13.54 -7.17
C GLY A 2 -18.02 -12.27 -6.62
N GLU A 3 -18.70 -11.60 -5.70
CA GLU A 3 -18.31 -10.25 -5.20
C GLU A 3 -16.93 -10.28 -4.54
N ILE A 4 -16.64 -11.26 -3.69
CA ILE A 4 -15.33 -11.29 -2.98
C ILE A 4 -14.22 -11.46 -4.02
N ALA A 5 -14.41 -12.38 -4.97
CA ALA A 5 -13.32 -12.62 -5.94
C ALA A 5 -13.07 -11.34 -6.78
N GLN A 6 -14.14 -10.65 -7.15
CA GLN A 6 -14.03 -9.44 -7.98
C GLN A 6 -13.36 -8.33 -7.17
N THR A 7 -13.70 -8.18 -5.90
CA THR A 7 -13.08 -7.13 -5.06
C THR A 7 -11.60 -7.42 -4.91
N LEU A 8 -11.20 -8.65 -4.73
CA LEU A 8 -9.77 -8.98 -4.63
C LEU A 8 -9.06 -8.68 -5.93
N LYS A 9 -9.68 -8.98 -7.07
CA LYS A 9 -9.04 -8.64 -8.37
C LYS A 9 -8.85 -7.09 -8.47
N GLU A 10 -9.81 -6.31 -8.00
CA GLU A 10 -9.71 -4.83 -8.04
C GLU A 10 -8.60 -4.40 -7.12
N ILE A 11 -8.49 -4.96 -5.93
CA ILE A 11 -7.40 -4.64 -4.97
C ILE A 11 -6.07 -4.92 -5.62
N ALA A 12 -5.90 -6.07 -6.27
CA ALA A 12 -4.65 -6.43 -6.95
C ALA A 12 -4.33 -5.35 -8.00
N LYS A 13 -5.30 -4.93 -8.79
CA LYS A 13 -5.08 -3.97 -9.89
C LYS A 13 -4.65 -2.62 -9.29
N THR A 14 -5.30 -2.18 -8.23
CA THR A 14 -4.94 -0.87 -7.61
C THR A 14 -3.52 -0.98 -7.05
N LEU A 15 -3.13 -2.06 -6.44
CA LEU A 15 -1.76 -2.22 -5.94
C LEU A 15 -0.77 -2.16 -7.07
N LYS A 16 -1.06 -2.69 -8.25
CA LYS A 16 -0.12 -2.60 -9.39
C LYS A 16 0.00 -1.12 -9.78
N GLU A 17 -1.07 -0.36 -9.75
CA GLU A 17 -1.00 1.09 -10.05
C GLU A 17 -0.09 1.77 -9.02
N ILE A 18 -0.28 1.51 -7.76
CA ILE A 18 0.54 2.07 -6.65
C ILE A 18 1.99 1.72 -6.90
N ALA A 19 2.29 0.50 -7.24
CA ALA A 19 3.67 0.04 -7.45
C ALA A 19 4.31 0.80 -8.61
CD1 4BF A 20 2.86 3.84 -13.26
CE1 4BF A 20 3.14 4.56 -14.39
CZ 4BF A 20 3.87 3.95 -15.39
BR 4BF A 20 4.21 4.93 -16.98
CE2 4BF A 20 4.28 2.64 -15.32
CD2 4BF A 20 3.99 1.94 -14.16
CG 4BF A 20 3.30 2.52 -13.12
CB 4BF A 20 2.99 1.71 -11.93
CA 4BF A 20 4.05 1.79 -10.84
N 4BF A 20 3.55 1.02 -9.73
C 4BF A 20 4.32 3.26 -10.45
O 4BF A 20 5.42 3.78 -10.83
N THR A 21 3.43 3.83 -9.65
CA THR A 21 3.63 5.27 -9.35
C THR A 21 4.85 5.39 -8.46
N LEU A 22 5.05 4.47 -7.55
CA LEU A 22 6.23 4.48 -6.67
C LEU A 22 7.49 4.31 -7.48
N LYS A 23 7.52 3.50 -8.54
CA LYS A 23 8.70 3.37 -9.41
C LYS A 23 8.94 4.71 -10.09
N GLU A 24 7.91 5.43 -10.51
CA GLU A 24 8.08 6.77 -11.13
CA GLU A 24 8.08 6.77 -11.13
C GLU A 24 8.69 7.74 -10.10
N ILE A 25 8.20 7.69 -8.88
CA ILE A 25 8.73 8.56 -7.79
C ILE A 25 10.21 8.24 -7.57
N ALA A 26 10.55 6.96 -7.46
CA ALA A 26 11.93 6.56 -7.20
C ALA A 26 12.82 7.09 -8.32
N GLN A 27 12.36 7.02 -9.58
CA GLN A 27 13.18 7.43 -10.75
C GLN A 27 13.35 8.95 -10.71
N THR A 28 12.30 9.70 -10.37
CA THR A 28 12.42 11.17 -10.28
C THR A 28 13.46 11.50 -9.20
N LEU A 29 13.39 10.85 -8.05
CA LEU A 29 14.32 11.23 -6.95
C LEU A 29 15.76 10.82 -7.26
N LYS A 30 15.97 9.81 -8.13
CA LYS A 30 17.32 9.35 -8.53
C LYS A 30 17.77 10.18 -9.73
N GLY A 31 16.96 11.11 -10.25
CA GLY A 31 17.35 12.04 -11.33
C GLY A 31 17.34 11.40 -12.70
N GLY B 2 -21.88 -9.81 3.71
CA GLY B 2 -21.11 -10.38 4.86
C GLY B 2 -20.01 -9.43 5.29
N GLU B 3 -19.48 -9.64 6.49
CA GLU B 3 -18.45 -8.75 7.08
C GLU B 3 -17.18 -8.80 6.23
N ILE B 4 -16.76 -9.96 5.77
CA ILE B 4 -15.54 -10.06 4.93
C ILE B 4 -15.71 -9.23 3.65
N ALA B 5 -16.86 -9.34 2.96
CA ALA B 5 -17.01 -8.59 1.69
C ALA B 5 -16.94 -7.07 1.99
N GLN B 6 -17.52 -6.64 3.10
CA GLN B 6 -17.56 -5.18 3.43
C GLN B 6 -16.16 -4.71 3.77
N THR B 7 -15.37 -5.50 4.50
CA THR B 7 -14.00 -5.10 4.85
C THR B 7 -13.17 -5.00 3.58
N LEU B 8 -13.33 -5.93 2.66
CA LEU B 8 -12.57 -5.89 1.39
C LEU B 8 -12.97 -4.64 0.59
N LYS B 9 -14.22 -4.22 0.60
CA LYS B 9 -14.63 -2.99 -0.13
C LYS B 9 -13.94 -1.79 0.55
N GLU B 10 -13.81 -1.78 1.87
CA GLU B 10 -13.12 -0.68 2.61
C GLU B 10 -11.66 -0.68 2.18
N ILE B 11 -11.02 -1.82 2.13
CA ILE B 11 -9.60 -1.91 1.76
C ILE B 11 -9.44 -1.38 0.33
N ALA B 12 -10.32 -1.76 -0.58
CA ALA B 12 -10.25 -1.32 -1.99
C ALA B 12 -10.35 0.21 -2.04
N LYS B 13 -11.23 0.80 -1.26
CA LYS B 13 -11.47 2.25 -1.27
C LYS B 13 -10.24 2.97 -0.73
N THR B 14 -9.65 2.47 0.35
CA THR B 14 -8.47 3.11 0.92
C THR B 14 -7.33 3.03 -0.09
N LEU B 15 -7.17 1.91 -0.77
CA LEU B 15 -6.11 1.78 -1.77
C LEU B 15 -6.33 2.77 -2.91
N LYS B 16 -7.57 3.09 -3.33
CA LYS B 16 -7.75 4.08 -4.37
C LYS B 16 -7.32 5.46 -3.84
N GLU B 17 -7.53 5.75 -2.57
CA GLU B 17 -7.06 7.04 -1.99
C GLU B 17 -5.55 7.06 -2.01
N ILE B 18 -4.89 5.98 -1.61
CA ILE B 18 -3.40 5.88 -1.61
C ILE B 18 -2.89 6.10 -3.02
N ALA B 19 -3.50 5.50 -4.02
CA ALA B 19 -3.08 5.61 -5.43
C ALA B 19 -3.17 7.07 -5.85
CD1 4BF B 20 -5.89 11.54 -3.85
CE1 4BF B 20 -5.98 12.89 -3.60
CZ 4BF B 20 -6.25 13.73 -4.63
BR 4BF B 20 -6.27 15.54 -4.18
CE2 4BF B 20 -6.40 13.29 -5.93
CD2 4BF B 20 -6.28 11.91 -6.15
CG 4BF B 20 -6.02 11.05 -5.13
CB 4BF B 20 -5.87 9.59 -5.36
CA 4BF B 20 -4.44 9.21 -5.80
N 4BF B 20 -4.20 7.82 -5.44
C 4BF B 20 -3.36 10.05 -5.14
O 4BF B 20 -2.74 10.94 -5.82
N THR B 21 -3.17 9.87 -3.80
CA THR B 21 -2.17 10.69 -3.12
C THR B 21 -0.78 10.49 -3.73
N LEU B 22 -0.42 9.27 -4.07
CA LEU B 22 0.90 9.02 -4.71
C LEU B 22 1.01 9.74 -6.03
N LYS B 23 -0.06 9.80 -6.84
CA LYS B 23 0.01 10.57 -8.10
C LYS B 23 0.20 12.05 -7.80
N GLU B 24 -0.41 12.57 -6.73
CA GLU B 24 -0.19 13.99 -6.33
C GLU B 24 1.28 14.22 -5.96
N ILE B 25 1.83 13.31 -5.18
CA ILE B 25 3.24 13.39 -4.74
C ILE B 25 4.15 13.33 -5.99
N ALA B 26 3.89 12.41 -6.91
CA ALA B 26 4.74 12.26 -8.09
C ALA B 26 4.75 13.56 -8.89
N GLN B 27 3.62 14.25 -9.01
CA GLN B 27 3.52 15.50 -9.77
C GLN B 27 4.25 16.62 -9.03
N THR B 28 4.14 16.67 -7.71
CA THR B 28 4.85 17.68 -6.90
C THR B 28 6.37 17.51 -7.10
N LEU B 29 6.85 16.28 -7.11
CA LEU B 29 8.31 16.01 -7.27
C LEU B 29 8.81 16.42 -8.65
N LYS B 30 7.94 16.50 -9.66
CA LYS B 30 8.34 17.02 -11.00
C LYS B 30 8.20 18.54 -11.06
N GLY B 31 7.80 19.20 -9.96
CA GLY B 31 7.61 20.64 -9.88
C GLY B 31 6.31 21.15 -10.46
N NH2 B 32 6.33 22.37 -10.76
C ACE C 1 -6.86 -21.39 6.21
O ACE C 1 -6.97 -20.92 5.10
CH3 ACE C 1 -7.84 -21.18 7.35
N GLY C 2 -5.85 -22.16 6.61
CA GLY C 2 -5.00 -22.71 5.51
C GLY C 2 -4.09 -21.67 4.87
N GLU C 3 -3.84 -21.84 3.57
CA GLU C 3 -2.95 -20.92 2.81
C GLU C 3 -3.57 -19.54 2.79
N ILE C 4 -4.88 -19.40 2.65
CA ILE C 4 -5.53 -18.06 2.63
C ILE C 4 -5.24 -17.31 3.94
N ALA C 5 -5.40 -17.95 5.08
CA ALA C 5 -5.20 -17.27 6.37
C ALA C 5 -3.72 -16.85 6.50
N GLN C 6 -2.81 -17.73 6.08
CA GLN C 6 -1.37 -17.44 6.24
C GLN C 6 -0.97 -16.31 5.29
N THR C 7 -1.53 -16.28 4.08
CA THR C 7 -1.17 -15.22 3.11
C THR C 7 -1.71 -13.90 3.65
N LEU C 8 -2.89 -13.86 4.23
CA LEU C 8 -3.41 -12.63 4.85
C LEU C 8 -2.49 -12.13 5.96
N LYS C 9 -1.99 -13.02 6.80
CA LYS C 9 -1.07 -12.65 7.90
C LYS C 9 0.21 -12.03 7.27
N GLU C 10 0.68 -12.60 6.18
CA GLU C 10 1.92 -12.10 5.49
C GLU C 10 1.63 -10.72 4.94
N ILE C 11 0.49 -10.52 4.29
CA ILE C 11 0.06 -9.22 3.73
C ILE C 11 0.05 -8.21 4.88
N ALA C 12 -0.52 -8.55 6.03
CA ALA C 12 -0.65 -7.62 7.17
C ALA C 12 0.76 -7.21 7.61
N LYS C 13 1.68 -8.15 7.68
CA LYS C 13 3.06 -7.88 8.10
C LYS C 13 3.74 -6.96 7.09
N THR C 14 3.58 -7.18 5.81
CA THR C 14 4.25 -6.35 4.78
C THR C 14 3.68 -4.93 4.90
N LEU C 15 2.37 -4.79 5.12
CA LEU C 15 1.78 -3.47 5.26
C LEU C 15 2.36 -2.78 6.48
N LYS C 16 2.60 -3.43 7.60
CA LYS C 16 3.21 -2.78 8.77
C LYS C 16 4.61 -2.26 8.37
N GLU C 17 5.34 -3.03 7.59
CA GLU C 17 6.68 -2.59 7.13
C GLU C 17 6.52 -1.35 6.28
N ILE C 18 5.61 -1.34 5.33
CA ILE C 18 5.35 -0.20 4.42
C ILE C 18 5.02 1.02 5.26
N ALA C 19 4.13 0.89 6.27
CA ALA C 19 3.73 2.00 7.14
C ALA C 19 4.96 2.60 7.84
CD1 4BF C 20 10.08 1.48 10.40
CE1 4BF C 20 11.15 2.00 11.11
CZ 4BF C 20 10.93 3.06 11.98
BR 4BF C 20 12.45 3.86 12.81
CE2 4BF C 20 9.65 3.52 12.22
CD2 4BF C 20 8.59 2.90 11.57
CG 4BF C 20 8.79 1.84 10.68
CB 4BF C 20 7.67 1.22 9.91
CA 4BF C 20 7.03 2.28 9.03
N 4BF C 20 5.88 1.78 8.26
C 4BF C 20 8.03 2.91 8.05
O 4BF C 20 8.52 4.03 8.39
N THR C 21 8.14 2.39 6.86
CA THR C 21 9.11 3.01 5.92
C THR C 21 8.56 4.38 5.52
N LEU C 22 7.27 4.51 5.36
CA LEU C 22 6.66 5.82 5.04
C LEU C 22 6.87 6.79 6.19
N LYS C 23 6.81 6.36 7.45
CA LYS C 23 7.14 7.26 8.57
C LYS C 23 8.59 7.71 8.49
N GLU C 24 9.49 6.83 8.09
CA GLU C 24 10.92 7.16 7.96
C GLU C 24 11.08 8.21 6.86
N ILE C 25 10.40 8.02 5.76
CA ILE C 25 10.44 8.97 4.62
C ILE C 25 9.89 10.31 5.09
N ALA C 26 8.75 10.34 5.75
CA ALA C 26 8.12 11.59 6.20
C ALA C 26 9.11 12.35 7.08
N GLN C 27 9.82 11.67 7.98
CA GLN C 27 10.75 12.29 8.93
C GLN C 27 11.96 12.83 8.19
N THR C 28 12.46 12.09 7.19
CA THR C 28 13.65 12.54 6.45
C THR C 28 13.25 13.81 5.69
N LEU C 29 12.06 13.85 5.09
CA LEU C 29 11.66 15.05 4.30
C LEU C 29 11.48 16.27 5.17
N LYS C 30 11.15 16.11 6.43
CA LYS C 30 11.00 17.25 7.35
C LYS C 30 12.36 17.68 7.88
N GLY C 31 13.41 16.86 7.71
CA GLY C 31 14.75 17.05 8.31
C GLY C 31 14.72 16.80 9.81
N NH2 C 32 15.60 17.24 10.57
C ACE D 1 -8.37 -22.54 -8.44
O ACE D 1 -8.97 -23.17 -9.26
CH3 ACE D 1 -7.19 -21.85 -9.00
N GLY D 2 -8.67 -22.49 -7.11
CA GLY D 2 -7.90 -21.80 -6.05
C GLY D 2 -7.78 -20.30 -6.34
N GLU D 3 -8.82 -19.69 -6.87
CA GLU D 3 -8.74 -18.30 -7.41
C GLU D 3 -8.45 -17.29 -6.31
N ILE D 4 -9.12 -17.41 -5.17
CA ILE D 4 -8.90 -16.51 -4.02
CA ILE D 4 -8.90 -16.50 -4.02
C ILE D 4 -7.45 -16.61 -3.57
N ALA D 5 -6.92 -17.83 -3.40
CA ALA D 5 -5.54 -17.96 -2.90
C ALA D 5 -4.57 -17.36 -3.90
N GLN D 6 -4.80 -17.55 -5.19
CA GLN D 6 -3.87 -17.01 -6.23
C GLN D 6 -3.92 -15.48 -6.21
N THR D 7 -5.10 -14.89 -6.06
CA THR D 7 -5.19 -13.42 -6.06
C THR D 7 -4.49 -12.87 -4.81
N LEU D 8 -4.65 -13.52 -3.66
CA LEU D 8 -3.98 -13.07 -2.44
C LEU D 8 -2.49 -13.22 -2.58
N LYS D 9 -2.01 -14.26 -3.21
CA LYS D 9 -0.54 -14.39 -3.43
C LYS D 9 -0.06 -13.26 -4.34
N GLU D 10 -0.83 -12.87 -5.35
CA GLU D 10 -0.46 -11.73 -6.25
C GLU D 10 -0.42 -10.47 -5.45
N ILE D 11 -1.41 -10.22 -4.60
CA ILE D 11 -1.44 -9.03 -3.75
C ILE D 11 -0.20 -9.04 -2.84
N ALA D 12 0.15 -10.16 -2.24
CA ALA D 12 1.30 -10.25 -1.34
C ALA D 12 2.59 -9.91 -2.11
N LYS D 13 2.71 -10.42 -3.33
CA LYS D 13 3.92 -10.20 -4.16
C LYS D 13 4.01 -8.72 -4.51
N THR D 14 2.92 -8.09 -4.87
CA THR D 14 2.95 -6.66 -5.25
C THR D 14 3.28 -5.86 -4.03
N LEU D 15 2.75 -6.18 -2.87
CA LEU D 15 3.11 -5.47 -1.62
C LEU D 15 4.58 -5.61 -1.32
N LYS D 16 5.22 -6.76 -1.57
CA LYS D 16 6.68 -6.89 -1.35
C LYS D 16 7.39 -5.96 -2.30
N GLU D 17 6.94 -5.84 -3.55
CA GLU D 17 7.59 -4.92 -4.52
C GLU D 17 7.46 -3.50 -3.95
N ILE D 18 6.28 -3.10 -3.53
CA ILE D 18 6.01 -1.74 -2.98
C ILE D 18 6.94 -1.51 -1.80
N ALA D 19 7.07 -2.45 -0.90
CA ALA D 19 7.88 -2.30 0.32
C ALA D 19 9.35 -2.04 -0.10
CD1 4BF D 20 13.59 -3.30 -3.90
CE1 4BF D 20 14.93 -3.24 -4.20
CZ 4BF D 20 15.86 -3.63 -3.25
BR 4BF D 20 17.73 -3.60 -3.66
CE2 4BF D 20 15.44 -4.03 -2.00
CD2 4BF D 20 14.07 -4.10 -1.73
CG 4BF D 20 13.14 -3.70 -2.67
CB 4BF D 20 11.67 -3.76 -2.40
CA 4BF D 20 11.22 -2.61 -1.50
N 4BF D 20 9.85 -2.85 -1.05
C 4BF D 20 11.42 -1.26 -2.23
O 4BF D 20 12.43 -0.54 -1.90
N THR D 21 10.43 -0.82 -3.03
CA THR D 21 10.61 0.47 -3.72
C THR D 21 10.64 1.57 -2.65
N LEU D 22 9.81 1.50 -1.63
CA LEU D 22 9.81 2.50 -0.55
C LEU D 22 11.12 2.48 0.19
N LYS D 23 11.73 1.32 0.44
CA LYS D 23 13.06 1.27 1.08
C LYS D 23 14.10 1.96 0.17
N GLU D 24 14.00 1.79 -1.15
CA GLU D 24 14.91 2.47 -2.11
C GLU D 24 14.70 3.98 -2.05
N ILE D 25 13.46 4.41 -1.97
CA ILE D 25 13.14 5.85 -1.85
C ILE D 25 13.74 6.37 -0.56
N ALA D 26 13.54 5.68 0.57
CA ALA D 26 14.04 6.13 1.86
C ALA D 26 15.57 6.26 1.79
N GLN D 27 16.27 5.33 1.12
CA GLN D 27 17.73 5.37 0.98
C GLN D 27 18.17 6.58 0.14
N THR D 28 17.46 6.82 -0.95
CA THR D 28 17.78 7.98 -1.83
C THR D 28 17.63 9.27 -1.03
N LEU D 29 16.59 9.40 -0.22
CA LEU D 29 16.32 10.67 0.48
C LEU D 29 17.27 10.89 1.65
N LYS D 30 17.95 9.86 2.12
CA LYS D 30 19.00 9.95 3.14
C LYS D 30 20.30 10.41 2.47
N GLY D 31 20.43 10.33 1.13
CA GLY D 31 21.64 10.79 0.41
N GLY E 2 -13.97 -14.64 13.54
CA GLY E 2 -12.88 -15.52 13.09
C GLY E 2 -11.62 -14.77 12.69
N GLU E 3 -10.51 -15.49 12.69
CA GLU E 3 -9.16 -15.00 12.36
C GLU E 3 -9.10 -14.34 10.99
N ILE E 4 -9.68 -14.88 9.93
CA ILE E 4 -9.56 -14.22 8.60
C ILE E 4 -10.23 -12.84 8.68
N ALA E 5 -11.43 -12.73 9.27
CA ALA E 5 -12.09 -11.42 9.31
C ALA E 5 -11.26 -10.42 10.13
N GLN E 6 -10.67 -10.87 11.23
CA GLN E 6 -9.89 -9.98 12.10
C GLN E 6 -8.64 -9.56 11.37
N THR E 7 -8.00 -10.45 10.62
CA THR E 7 -6.78 -10.08 9.86
C THR E 7 -7.12 -9.02 8.82
N LEU E 8 -8.25 -9.15 8.15
CA LEU E 8 -8.70 -8.15 7.17
C LEU E 8 -8.93 -6.82 7.89
N LYS E 9 -9.50 -6.83 9.08
CA LYS E 9 -9.72 -5.53 9.80
C LYS E 9 -8.35 -4.91 10.11
N GLU E 10 -7.36 -5.70 10.49
CA GLU E 10 -6.00 -5.19 10.79
CA GLU E 10 -5.99 -5.22 10.79
C GLU E 10 -5.41 -4.60 9.51
N ILE E 11 -5.56 -5.28 8.38
CA ILE E 11 -5.09 -4.77 7.07
C ILE E 11 -5.74 -3.42 6.78
N ALA E 12 -7.04 -3.32 6.97
CA ALA E 12 -7.78 -2.07 6.68
C ALA E 12 -7.22 -0.93 7.56
N LYS E 13 -6.96 -1.20 8.83
CA LYS E 13 -6.48 -0.18 9.78
CA LYS E 13 -6.45 -0.22 9.82
C LYS E 13 -5.07 0.27 9.35
N THR E 14 -4.21 -0.64 8.98
CA THR E 14 -2.83 -0.27 8.57
C THR E 14 -2.93 0.55 7.31
N LEU E 15 -3.78 0.21 6.36
CA LEU E 15 -3.94 1.01 5.13
C LEU E 15 -4.38 2.42 5.48
N LYS E 16 -5.26 2.63 6.45
CA LYS E 16 -5.66 4.01 6.83
C LYS E 16 -4.42 4.74 7.36
N GLU E 17 -3.57 4.09 8.14
CA GLU E 17 -2.35 4.77 8.65
C GLU E 17 -1.48 5.17 7.44
N ILE E 18 -1.27 4.26 6.49
CA ILE E 18 -0.45 4.52 5.28
C ILE E 18 -1.05 5.70 4.57
N ALA E 19 -2.36 5.74 4.36
CA ALA E 19 -3.02 6.83 3.62
C ALA E 19 -2.78 8.17 4.34
CD1 4BF E 20 -1.86 10.81 9.40
CE1 4BF E 20 -1.71 12.01 10.01
CZ 4BF E 20 -2.67 12.98 9.86
BR 4BF E 20 -2.43 14.60 10.83
CE2 4BF E 20 -3.81 12.74 9.11
CD2 4BF E 20 -3.92 11.52 8.48
CG 4BF E 20 -2.96 10.53 8.60
CB 4BF E 20 -3.03 9.26 7.84
CA 4BF E 20 -2.60 9.45 6.39
N 4BF E 20 -2.77 8.21 5.64
C 4BF E 20 -1.13 9.89 6.32
O 4BF E 20 -0.85 11.10 6.06
N THR E 21 -0.20 8.96 6.36
CA THR E 21 1.22 9.34 6.31
C THR E 21 1.49 9.89 4.91
N LEU E 22 0.91 9.34 3.90
CA LEU E 22 1.09 9.84 2.52
C LEU E 22 0.55 11.24 2.40
N LYS E 23 -0.59 11.55 3.00
CA LYS E 23 -1.11 12.93 2.97
C LYS E 23 -0.11 13.88 3.68
N GLU E 24 0.51 13.45 4.78
CA GLU E 24 1.49 14.28 5.51
C GLU E 24 2.71 14.53 4.58
N ILE E 25 3.16 13.50 3.87
CA ILE E 25 4.30 13.64 2.94
C ILE E 25 3.91 14.63 1.84
N ALA E 26 2.73 14.51 1.27
CA ALA E 26 2.31 15.37 0.15
C ALA E 26 2.35 16.82 0.65
N GLN E 27 1.90 17.09 1.88
CA GLN E 27 1.86 18.45 2.46
C GLN E 27 3.28 18.95 2.71
N THR E 28 4.15 18.12 3.25
CA THR E 28 5.56 18.51 3.49
C THR E 28 6.23 18.94 2.17
N LEU E 29 5.96 18.19 1.11
CA LEU E 29 6.60 18.52 -0.21
C LEU E 29 6.12 19.84 -0.76
N LYS E 30 4.93 20.34 -0.37
CA LYS E 30 4.48 21.67 -0.82
C LYS E 30 4.85 22.74 0.18
N GLY E 31 5.39 22.38 1.35
CA GLY E 31 5.82 23.34 2.40
C GLY E 31 4.67 23.77 3.28
#